data_3NVG
# 
_entry.id   3NVG 
# 
_audit_conform.dict_name       mmcif_pdbx.dic 
_audit_conform.dict_version    5.387 
_audit_conform.dict_location   http://mmcif.pdb.org/dictionaries/ascii/mmcif_pdbx.dic 
# 
loop_
_database_2.database_id 
_database_2.database_code 
_database_2.pdbx_database_accession 
_database_2.pdbx_DOI 
PDB   3NVG         pdb_00003nvg 10.2210/pdb3nvg/pdb 
RCSB  RCSB060328   ?            ?                   
WWPDB D_1000060328 ?            ?                   
# 
loop_
_pdbx_audit_revision_history.ordinal 
_pdbx_audit_revision_history.data_content_type 
_pdbx_audit_revision_history.major_revision 
_pdbx_audit_revision_history.minor_revision 
_pdbx_audit_revision_history.revision_date 
1 'Structure model' 1 0 2011-03-02 
2 'Structure model' 1 1 2011-07-13 
3 'Structure model' 1 2 2024-02-21 
# 
_pdbx_audit_revision_details.ordinal             1 
_pdbx_audit_revision_details.revision_ordinal    1 
_pdbx_audit_revision_details.data_content_type   'Structure model' 
_pdbx_audit_revision_details.provider            repository 
_pdbx_audit_revision_details.type                'Initial release' 
_pdbx_audit_revision_details.description         ? 
_pdbx_audit_revision_details.details             ? 
# 
loop_
_pdbx_audit_revision_group.ordinal 
_pdbx_audit_revision_group.revision_ordinal 
_pdbx_audit_revision_group.data_content_type 
_pdbx_audit_revision_group.group 
1 2 'Structure model' 'Version format compliance' 
2 3 'Structure model' 'Data collection'           
3 3 'Structure model' 'Database references'       
# 
loop_
_pdbx_audit_revision_category.ordinal 
_pdbx_audit_revision_category.revision_ordinal 
_pdbx_audit_revision_category.data_content_type 
_pdbx_audit_revision_category.category 
1 3 'Structure model' chem_comp_atom 
2 3 'Structure model' chem_comp_bond 
3 3 'Structure model' database_2     
# 
loop_
_pdbx_audit_revision_item.ordinal 
_pdbx_audit_revision_item.revision_ordinal 
_pdbx_audit_revision_item.data_content_type 
_pdbx_audit_revision_item.item 
1 3 'Structure model' '_database_2.pdbx_DOI'                
2 3 'Structure model' '_database_2.pdbx_database_accession' 
# 
_pdbx_database_status.entry_id                        3NVG 
_pdbx_database_status.status_code                     REL 
_pdbx_database_status.deposit_site                    RCSB 
_pdbx_database_status.process_site                    RCSB 
_pdbx_database_status.recvd_initial_deposition_date   2010-07-08 
_pdbx_database_status.status_code_sf                  REL 
_pdbx_database_status.status_code_mr                  ? 
_pdbx_database_status.SG_entry                        ? 
_pdbx_database_status.status_code_cs                  ? 
_pdbx_database_status.pdb_format_compatible           Y 
_pdbx_database_status.status_code_nmr_data            ? 
_pdbx_database_status.methods_development_category    ? 
# 
loop_
_pdbx_database_related.db_name 
_pdbx_database_related.db_id 
_pdbx_database_related.details 
_pdbx_database_related.content_type 
PDB 3NVE 'MMHFGN hexapeptide (residues 138-143) from golden hamster prion protein' unspecified 
PDB 3NVF 'IIHFGS hexapeptide (residues 138-143) from human prion protein'          unspecified 
PDB 3NVH 'MIHFGND peptide(residues 137-143) from mouse prion protein'              unspecified 
# 
loop_
_audit_author.name 
_audit_author.pdbx_ordinal 
'Apostol, M.I.' 1 
'Sawaya, M.R.'  2 
'Eisenberg, D.' 3 
# 
_citation.id                        primary 
_citation.title                     'Atomic structures suggest determinants of transmission barriers in Mammalian prion disease.' 
_citation.journal_abbrev            Biochemistry 
_citation.journal_volume            50 
_citation.page_first                2456 
_citation.page_last                 2463 
_citation.year                      2011 
_citation.journal_id_ASTM           BICHAW 
_citation.country                   US 
_citation.journal_id_ISSN           0006-2960 
_citation.journal_id_CSD            0033 
_citation.book_publisher            ? 
_citation.pdbx_database_id_PubMed   21323366 
_citation.pdbx_database_id_DOI      10.1021/bi101803k 
# 
loop_
_citation_author.citation_id 
_citation_author.name 
_citation_author.ordinal 
_citation_author.identifier_ORCID 
primary 'Apostol, M.I.'  1 ? 
primary 'Wiltzius, J.J.' 2 ? 
primary 'Sawaya, M.R.'   3 ? 
primary 'Cascio, D.'     4 ? 
primary 'Eisenberg, D.'  5 ? 
# 
loop_
_entity.id 
_entity.type 
_entity.src_method 
_entity.pdbx_description 
_entity.formula_weight 
_entity.pdbx_number_of_molecules 
_entity.pdbx_ec 
_entity.pdbx_mutation 
_entity.pdbx_fragment 
_entity.details 
1 polymer syn 'Major prion protein' 718.844 1 ? ? ? ? 
2 water   nat water                 18.015  2 ? ? ? ? 
# 
_entity_name_com.entity_id   1 
_entity_name_com.name        'PrP, PrP27-30, PrP33-35C' 
# 
_entity_poly.entity_id                      1 
_entity_poly.type                           'polypeptide(L)' 
_entity_poly.nstd_linkage                   no 
_entity_poly.nstd_monomer                   no 
_entity_poly.pdbx_seq_one_letter_code       MIHFGN 
_entity_poly.pdbx_seq_one_letter_code_can   MIHFGN 
_entity_poly.pdbx_strand_id                 A 
_entity_poly.pdbx_target_identifier         ? 
# 
_pdbx_entity_nonpoly.entity_id   2 
_pdbx_entity_nonpoly.name        water 
_pdbx_entity_nonpoly.comp_id     HOH 
# 
loop_
_entity_poly_seq.entity_id 
_entity_poly_seq.num 
_entity_poly_seq.mon_id 
_entity_poly_seq.hetero 
1 1 MET n 
1 2 ILE n 
1 3 HIS n 
1 4 PHE n 
1 5 GLY n 
1 6 ASN n 
# 
_pdbx_entity_src_syn.entity_id              1 
_pdbx_entity_src_syn.pdbx_src_id            1 
_pdbx_entity_src_syn.pdbx_alt_source_flag   sample 
_pdbx_entity_src_syn.pdbx_beg_seq_num       ? 
_pdbx_entity_src_syn.pdbx_end_seq_num       ? 
_pdbx_entity_src_syn.organism_scientific    'Mus musculus' 
_pdbx_entity_src_syn.organism_common_name   mouse 
_pdbx_entity_src_syn.ncbi_taxonomy_id       10090 
_pdbx_entity_src_syn.details                'MIHFGN (residues 137-142) from mouse prion' 
# 
loop_
_chem_comp.id 
_chem_comp.type 
_chem_comp.mon_nstd_flag 
_chem_comp.name 
_chem_comp.pdbx_synonyms 
_chem_comp.formula 
_chem_comp.formula_weight 
ASN 'L-peptide linking' y ASPARAGINE    ? 'C4 H8 N2 O3'    132.118 
GLY 'peptide linking'   y GLYCINE       ? 'C2 H5 N O2'     75.067  
HIS 'L-peptide linking' y HISTIDINE     ? 'C6 H10 N3 O2 1' 156.162 
HOH non-polymer         . WATER         ? 'H2 O'           18.015  
ILE 'L-peptide linking' y ISOLEUCINE    ? 'C6 H13 N O2'    131.173 
MET 'L-peptide linking' y METHIONINE    ? 'C5 H11 N O2 S'  149.211 
PHE 'L-peptide linking' y PHENYLALANINE ? 'C9 H11 N O2'    165.189 
# 
loop_
_pdbx_poly_seq_scheme.asym_id 
_pdbx_poly_seq_scheme.entity_id 
_pdbx_poly_seq_scheme.seq_id 
_pdbx_poly_seq_scheme.mon_id 
_pdbx_poly_seq_scheme.ndb_seq_num 
_pdbx_poly_seq_scheme.pdb_seq_num 
_pdbx_poly_seq_scheme.auth_seq_num 
_pdbx_poly_seq_scheme.pdb_mon_id 
_pdbx_poly_seq_scheme.auth_mon_id 
_pdbx_poly_seq_scheme.pdb_strand_id 
_pdbx_poly_seq_scheme.pdb_ins_code 
_pdbx_poly_seq_scheme.hetero 
A 1 1 MET 1 1 1 MET MET A . n 
A 1 2 ILE 2 2 2 ILE ILE A . n 
A 1 3 HIS 3 3 3 HIS HIS A . n 
A 1 4 PHE 4 4 4 PHE PHE A . n 
A 1 5 GLY 5 5 5 GLY GLY A . n 
A 1 6 ASN 6 6 6 ASN ASN A . n 
# 
loop_
_pdbx_nonpoly_scheme.asym_id 
_pdbx_nonpoly_scheme.entity_id 
_pdbx_nonpoly_scheme.mon_id 
_pdbx_nonpoly_scheme.ndb_seq_num 
_pdbx_nonpoly_scheme.pdb_seq_num 
_pdbx_nonpoly_scheme.auth_seq_num 
_pdbx_nonpoly_scheme.pdb_mon_id 
_pdbx_nonpoly_scheme.auth_mon_id 
_pdbx_nonpoly_scheme.pdb_strand_id 
_pdbx_nonpoly_scheme.pdb_ins_code 
B 2 HOH 1 7 1 HOH HOH A . 
B 2 HOH 2 8 2 HOH HOH A . 
# 
loop_
_software.pdbx_ordinal 
_software.name 
_software.version 
_software.date 
_software.type 
_software.contact_author 
_software.contact_author_email 
_software.classification 
_software.location 
_software.language 
_software.citation_id 
1 DENZO       .     ?                          program 'Zbyszek Otwinowski' hkl@hkl-xray.com            'data reduction'  
http://www.hkl-xray.com/                     ?          ? 
2 SCALEPACK   .     ?                          program 'Zbyszek Otwinowski' hkl@hkl-xray.com            'data scaling'    
http://www.hkl-xray.com/                     ?          ? 
3 PHASER      1.3.2 'Wed Feb 15 11:59:26 2006' program 'Randy J. Read'      cimr-phaser@lists.cam.ac.uk phasing           
http://www-structmed.cimr.cam.ac.uk/phaser/  ?          ? 
4 REFMAC      .     ?                          program 'Garib N. Murshudov' garib@ysbl.york.ac.uk       refinement        
http://www.ccp4.ac.uk/dist/html/refmac5.html Fortran_77 ? 
5 PDB_EXTRACT 3.10  'June 10, 2010'            package PDB                  deposit@deposit.rcsb.org    'data extraction' 
http://sw-tools.pdb.org/apps/PDB_EXTRACT/    C++        ? 
# 
_cell.length_a           27.280 
_cell.length_b           4.771 
_cell.length_c           31.476 
_cell.angle_alpha        90.000 
_cell.angle_beta         90.000 
_cell.angle_gamma        90.000 
_cell.entry_id           3NVG 
_cell.pdbx_unique_axis   ? 
_cell.Z_PDB              4 
_cell.length_a_esd       ? 
_cell.length_b_esd       ? 
_cell.length_c_esd       ? 
_cell.angle_alpha_esd    ? 
_cell.angle_beta_esd     ? 
_cell.angle_gamma_esd    ? 
# 
_symmetry.space_group_name_H-M             'P 21 21 21' 
_symmetry.entry_id                         3NVG 
_symmetry.Int_Tables_number                19 
_symmetry.pdbx_full_space_group_name_H-M   ? 
_symmetry.cell_setting                     ? 
_symmetry.space_group_name_Hall            ? 
# 
_exptl.crystals_number   1 
_exptl.entry_id          3NVG 
_exptl.method            'X-RAY DIFFRACTION' 
# 
_exptl_crystal.id                    1 
_exptl_crystal.density_Matthews      1.42 
_exptl_crystal.density_meas          ? 
_exptl_crystal.density_percent_sol   13.67 
_exptl_crystal.description           ? 
_exptl_crystal.F_000                 ? 
_exptl_crystal.preparation           ? 
# 
_exptl_crystal_grow.crystal_id      1 
_exptl_crystal_grow.method          'VAPOR DIFFUSION, HANGING DROP' 
_exptl_crystal_grow.pH              7.5 
_exptl_crystal_grow.temp            298 
_exptl_crystal_grow.pdbx_details    '100mM HEPES 7.5, vapor diffusion, hanging drop, temperature 298K' 
_exptl_crystal_grow.temp_details    ? 
_exptl_crystal_grow.pdbx_pH_range   ? 
# 
_diffrn.id                     1 
_diffrn.ambient_temp           100 
_diffrn.ambient_temp_details   ? 
_diffrn.crystal_id             1 
# 
_diffrn_detector.diffrn_id              1 
_diffrn_detector.detector               CCD 
_diffrn_detector.type                   'MARMOSAIC 225 mm CCD' 
_diffrn_detector.pdbx_collection_date   2006-11-20 
_diffrn_detector.details                ? 
# 
_diffrn_radiation.diffrn_id                        1 
_diffrn_radiation.pdbx_diffrn_protocol             'SINGLE WAVELENGTH' 
_diffrn_radiation.monochromator                    ? 
_diffrn_radiation.wavelength_id                    1 
_diffrn_radiation.pdbx_monochromatic_or_laue_m_l   M 
_diffrn_radiation.pdbx_scattering_type             x-ray 
# 
_diffrn_radiation_wavelength.id           1 
_diffrn_radiation_wavelength.wavelength   1.0048 
_diffrn_radiation_wavelength.wt           1.0 
# 
_diffrn_source.diffrn_id                   1 
_diffrn_source.source                      SYNCHROTRON 
_diffrn_source.type                        'SLS BEAMLINE X06SA' 
_diffrn_source.pdbx_wavelength_list        1.0048 
_diffrn_source.pdbx_wavelength             ? 
_diffrn_source.pdbx_synchrotron_site       SLS 
_diffrn_source.pdbx_synchrotron_beamline   X06SA 
# 
_reflns.entry_id                     3NVG 
_reflns.d_resolution_high            1.48 
_reflns.d_resolution_low             90.000 
_reflns.number_obs                   801 
_reflns.pdbx_Rmerge_I_obs            0.154 
_reflns.pdbx_netI_over_sigmaI        7.000 
_reflns.pdbx_chi_squared             1.074 
_reflns.pdbx_redundancy              5.300 
_reflns.percent_possible_obs         90.900 
_reflns.observed_criterion_sigma_F   ? 
_reflns.observed_criterion_sigma_I   ? 
_reflns.number_all                   ? 
_reflns.pdbx_Rsym_value              ? 
_reflns.B_iso_Wilson_estimate        ? 
_reflns.R_free_details               ? 
_reflns.limit_h_max                  ? 
_reflns.limit_h_min                  ? 
_reflns.limit_k_max                  ? 
_reflns.limit_k_min                  ? 
_reflns.limit_l_max                  ? 
_reflns.limit_l_min                  ? 
_reflns.observed_criterion_F_max     ? 
_reflns.observed_criterion_F_min     ? 
_reflns.pdbx_scaling_rejects         ? 
_reflns.pdbx_diffrn_id               1 
_reflns.pdbx_ordinal                 1 
# 
loop_
_reflns_shell.d_res_high 
_reflns_shell.d_res_low 
_reflns_shell.number_measured_obs 
_reflns_shell.number_measured_all 
_reflns_shell.number_unique_obs 
_reflns_shell.Rmerge_I_obs 
_reflns_shell.meanI_over_sigI_obs 
_reflns_shell.pdbx_Rsym_value 
_reflns_shell.pdbx_chi_squared 
_reflns_shell.pdbx_redundancy 
_reflns_shell.percent_possible_obs 
_reflns_shell.number_unique_all 
_reflns_shell.percent_possible_all 
_reflns_shell.pdbx_diffrn_id 
_reflns_shell.pdbx_ordinal 
1.48  1.620  ? ? ? 0.452 ? ? 1.208 3.400 ? 130 68.800 ? 1 
1.620 1.780  ? ? ? 0.324 ? ? 1.115 4.800 ? 132 95.700 ? 2 
1.780 2.040  ? ? ? 0.233 ? ? 1.091 6.300 ? 158 97.500 ? 3 
2.040 2.560  ? ? ? 0.176 ? ? 1.068 6.100 ? 180 94.700 ? 4 
2.560 90.000 ? ? ? 0.108 ? ? 0.993 5.300 ? 201 99.500 ? 5 
# 
_refine.entry_id                                 3NVG 
_refine.ls_d_res_high                            1.48 
_refine.ls_d_res_low                             20.62 
_refine.pdbx_ls_sigma_F                          0.000 
_refine.pdbx_data_cutoff_high_absF               ? 
_refine.pdbx_data_cutoff_low_absF                ? 
_refine.ls_percent_reflns_obs                    90.9600 
_refine.ls_number_reflns_obs                     785 
_refine.ls_number_reflns_all                     ? 
_refine.pdbx_ls_cross_valid_method               THROUGHOUT 
_refine.pdbx_R_Free_selection_details            RANDOM 
_refine.details                                  'HYDROGENS HAVE BEEN ADDED IN THE RIDING POSITIONS' 
_refine.ls_R_factor_all                          ? 
_refine.ls_R_factor_obs                          0.1835 
_refine.ls_R_factor_R_work                       0.1808 
_refine.ls_wR_factor_R_work                      0.1907 
_refine.ls_R_factor_R_free                       0.2049 
_refine.ls_wR_factor_R_free                      0.2215 
_refine.ls_percent_reflns_R_free                 11.6000 
_refine.ls_number_reflns_R_free                  91 
_refine.ls_R_factor_R_free_error                 ? 
_refine.B_iso_mean                               8.4854 
_refine.solvent_model_param_bsol                 ? 
_refine.solvent_model_param_ksol                 ? 
_refine.pdbx_isotropic_thermal_model             ? 
_refine.aniso_B[1][1]                            0.4500 
_refine.aniso_B[2][2]                            -0.6800 
_refine.aniso_B[3][3]                            0.2300 
_refine.aniso_B[1][2]                            0.0000 
_refine.aniso_B[1][3]                            0.0000 
_refine.aniso_B[2][3]                            0.0000 
_refine.correlation_coeff_Fo_to_Fc               0.9620 
_refine.correlation_coeff_Fo_to_Fc_free          0.9390 
_refine.overall_SU_R_Cruickshank_DPI             0.0940 
_refine.overall_SU_R_free                        0.0892 
_refine.pdbx_overall_ESU_R_Free                  0.0890 
_refine.overall_SU_ML                            0.0450 
_refine.overall_SU_B                             1.1920 
_refine.solvent_model_details                    MASK 
_refine.pdbx_solvent_vdw_probe_radii             1.4000 
_refine.pdbx_solvent_ion_probe_radii             0.8000 
_refine.pdbx_solvent_shrinkage_radii             0.8000 
_refine.ls_number_parameters                     ? 
_refine.ls_number_restraints                     ? 
_refine.pdbx_starting_model                      ? 
_refine.pdbx_method_to_determine_struct          'MOLECULAR REPLACEMENT' 
_refine.pdbx_stereochemistry_target_values       'MAXIMUM LIKELIHOOD' 
_refine.pdbx_stereochem_target_val_spec_case     ? 
_refine.overall_FOM_work_R_set                   0.9018 
_refine.B_iso_max                                53.970 
_refine.B_iso_min                                3.060 
_refine.occupancy_max                            1.000 
_refine.occupancy_min                            1.000 
_refine.pdbx_ls_sigma_I                          ? 
_refine.ls_redundancy_reflns_obs                 ? 
_refine.ls_R_factor_R_free_error_details         ? 
_refine.pdbx_data_cutoff_high_rms_absF           ? 
_refine.overall_FOM_free_R_set                   ? 
_refine.pdbx_overall_phase_error                 ? 
_refine.pdbx_refine_id                           'X-RAY DIFFRACTION' 
_refine.pdbx_overall_ESU_R                       ? 
_refine.pdbx_diffrn_id                           1 
_refine.pdbx_TLS_residual_ADP_flag               ? 
_refine.pdbx_overall_SU_R_free_Cruickshank_DPI   ? 
_refine.pdbx_overall_SU_R_Blow_DPI               ? 
_refine.pdbx_overall_SU_R_free_Blow_DPI          ? 
# 
_refine_hist.pdbx_refine_id                   'X-RAY DIFFRACTION' 
_refine_hist.cycle_id                         LAST 
_refine_hist.pdbx_number_atoms_protein        50 
_refine_hist.pdbx_number_atoms_nucleic_acid   0 
_refine_hist.pdbx_number_atoms_ligand         0 
_refine_hist.number_atoms_solvent             2 
_refine_hist.number_atoms_total               52 
_refine_hist.d_res_high                       1.48 
_refine_hist.d_res_low                        20.62 
# 
loop_
_refine_ls_restr.type 
_refine_ls_restr.number 
_refine_ls_restr.dev_ideal 
_refine_ls_restr.dev_ideal_target 
_refine_ls_restr.weight 
_refine_ls_restr.pdbx_refine_id 
_refine_ls_restr.pdbx_restraint_function 
r_bond_refined_d       51 0.013  0.021  ? 'X-RAY DIFFRACTION' ? 
r_bond_other_d         32 0.002  0.020  ? 'X-RAY DIFFRACTION' ? 
r_angle_refined_deg    67 1.346  1.867  ? 'X-RAY DIFFRACTION' ? 
r_angle_other_deg      77 0.560  3.000  ? 'X-RAY DIFFRACTION' ? 
r_dihedral_angle_1_deg 5  7.932  5.000  ? 'X-RAY DIFFRACTION' ? 
r_dihedral_angle_2_deg 3  42.478 23.333 ? 'X-RAY DIFFRACTION' ? 
r_dihedral_angle_3_deg 8  12.239 15.000 ? 'X-RAY DIFFRACTION' ? 
r_chiral_restr         6  0.085  0.200  ? 'X-RAY DIFFRACTION' ? 
r_gen_planes_refined   56 0.006  0.020  ? 'X-RAY DIFFRACTION' ? 
r_gen_planes_other     12 0.001  0.020  ? 'X-RAY DIFFRACTION' ? 
r_mcbond_it            29 0.685  1.500  ? 'X-RAY DIFFRACTION' ? 
r_mcbond_other         12 0.154  1.500  ? 'X-RAY DIFFRACTION' ? 
r_mcangle_it           45 1.356  2.000  ? 'X-RAY DIFFRACTION' ? 
r_scbond_it            22 2.713  3.000  ? 'X-RAY DIFFRACTION' ? 
r_scangle_it           22 4.507  4.500  ? 'X-RAY DIFFRACTION' ? 
# 
_refine_ls_shell.d_res_high                       1.48 
_refine_ls_shell.d_res_low                        1.6520 
_refine_ls_shell.pdbx_total_number_of_bins_used   5 
_refine_ls_shell.percent_reflns_obs               75.0000 
_refine_ls_shell.number_reflns_R_work             159 
_refine_ls_shell.R_factor_all                     ? 
_refine_ls_shell.R_factor_R_work                  0.2190 
_refine_ls_shell.R_factor_R_free                  0.2760 
_refine_ls_shell.percent_reflns_R_free            ? 
_refine_ls_shell.number_reflns_R_free             24 
_refine_ls_shell.R_factor_R_free_error            ? 
_refine_ls_shell.number_reflns_all                183 
_refine_ls_shell.number_reflns_obs                ? 
_refine_ls_shell.redundancy_reflns_obs            ? 
_refine_ls_shell.pdbx_refine_id                   'X-RAY DIFFRACTION' 
# 
_struct.entry_id                  3NVG 
_struct.title                     'MIHFGN segment 137-142 from mouse prion' 
_struct.pdbx_model_details        ? 
_struct.pdbx_CASP_flag            ? 
_struct.pdbx_model_type_details   ? 
# 
_struct_keywords.entry_id        3NVG 
_struct_keywords.text            'amyloid-like protofibril, PROTEIN FIBRIL' 
_struct_keywords.pdbx_keywords   'PROTEIN FIBRIL' 
# 
loop_
_struct_asym.id 
_struct_asym.pdbx_blank_PDB_chainid_flag 
_struct_asym.pdbx_modified 
_struct_asym.entity_id 
_struct_asym.details 
A N N 1 ? 
B N N 2 ? 
# 
_struct_ref.id                         1 
_struct_ref.db_name                    UNP 
_struct_ref.db_code                    PRIO_MOUSE 
_struct_ref.pdbx_db_accession          P04925 
_struct_ref.entity_id                  1 
_struct_ref.pdbx_seq_one_letter_code   MIHFGN 
_struct_ref.pdbx_align_begin           137 
_struct_ref.pdbx_db_isoform            ? 
# 
_struct_ref_seq.align_id                      1 
_struct_ref_seq.ref_id                        1 
_struct_ref_seq.pdbx_PDB_id_code              3NVG 
_struct_ref_seq.pdbx_strand_id                A 
_struct_ref_seq.seq_align_beg                 1 
_struct_ref_seq.pdbx_seq_align_beg_ins_code   ? 
_struct_ref_seq.seq_align_end                 6 
_struct_ref_seq.pdbx_seq_align_end_ins_code   ? 
_struct_ref_seq.pdbx_db_accession             P04925 
_struct_ref_seq.db_align_beg                  137 
_struct_ref_seq.pdbx_db_align_beg_ins_code    ? 
_struct_ref_seq.db_align_end                  142 
_struct_ref_seq.pdbx_db_align_end_ins_code    ? 
_struct_ref_seq.pdbx_auth_seq_align_beg       1 
_struct_ref_seq.pdbx_auth_seq_align_end       6 
# 
_pdbx_struct_assembly.id                   1 
_pdbx_struct_assembly.details              author_defined_assembly 
_pdbx_struct_assembly.method_details       ? 
_pdbx_struct_assembly.oligomeric_details   decameric 
_pdbx_struct_assembly.oligomeric_count     10 
# 
_pdbx_struct_assembly_gen.assembly_id       1 
_pdbx_struct_assembly_gen.oper_expression   1,2,3,4,5,6,7,8,9,10 
_pdbx_struct_assembly_gen.asym_id_list      A,B 
# 
loop_
_pdbx_struct_oper_list.id 
_pdbx_struct_oper_list.type 
_pdbx_struct_oper_list.name 
_pdbx_struct_oper_list.symmetry_operation 
_pdbx_struct_oper_list.matrix[1][1] 
_pdbx_struct_oper_list.matrix[1][2] 
_pdbx_struct_oper_list.matrix[1][3] 
_pdbx_struct_oper_list.vector[1] 
_pdbx_struct_oper_list.matrix[2][1] 
_pdbx_struct_oper_list.matrix[2][2] 
_pdbx_struct_oper_list.matrix[2][3] 
_pdbx_struct_oper_list.vector[2] 
_pdbx_struct_oper_list.matrix[3][1] 
_pdbx_struct_oper_list.matrix[3][2] 
_pdbx_struct_oper_list.matrix[3][3] 
_pdbx_struct_oper_list.vector[3] 
1  'identity operation'         1_555 x,y,z             1.0000000000  0.0000000000 0.0000000000 0.0000000000  0.0000000000 1.0000000000 0.0000000000 0.0000000000  0.0000000000 0.0000000000 1.0000000000  0.0000000000   
2  'crystal symmetry operation' 1_575 x,y+2,z           1.0000000000  0.0000000000 0.0000000000 -2.0354656480 0.0000000000 1.0000000000 0.0000000000 -8.3531387193 0.0000000000 0.0000000000 1.0000000000  -4.1390478532  
3  'crystal symmetry operation' 1_565 x,y+1,z           1.0000000000  0.0000000000 0.0000000000 -1.0177328240 0.0000000000 1.0000000000 0.0000000000 -4.1765693597 0.0000000000 0.0000000000 1.0000000000  -2.0695239266  
4  'crystal symmetry operation' 1_545 x,y-1,z           1.0000000000  0.0000000000 0.0000000000 1.0177328240  0.0000000000 1.0000000000 0.0000000000 4.1765693597  0.0000000000 0.0000000000 1.0000000000  2.0695239266   
5  'crystal symmetry operation' 1_535 x,y-2,z           1.0000000000  0.0000000000 0.0000000000 2.0354656480  0.0000000000 1.0000000000 0.0000000000 8.3531387193  0.0000000000 0.0000000000 1.0000000000  4.1390478532   
6  'crystal symmetry operation' 3_475 -x-1,y+5/2,-z+1/2 -0.9089921770 0.3734776713 0.1850612094 -2.3027120798 0.3734776713 0.5326767121 0.7594537177 -3.2091462128 0.1850612094 0.7594537177 -0.6236845352 -19.8883108137 
7  'crystal symmetry operation' 3_465 -x-1,y+3/2,-z+1/2 -0.9089921770 0.3734776713 0.1850612094 -1.2849792558 0.3734776713 0.5326767121 0.7594537177 0.9674231468  0.1850612094 0.7594537177 -0.6236845352 -17.8187868871 
8  'crystal symmetry operation' 3_455 -x-1,y+1/2,-z+1/2 -0.9089921770 0.3734776713 0.1850612094 -0.2672464318 0.3734776713 0.5326767121 0.7594537177 5.1439925065  0.1850612094 0.7594537177 -0.6236845352 -15.7492629605 
9  'crystal symmetry operation' 3_445 -x-1,y-1/2,-z+1/2 -0.9089921770 0.3734776713 0.1850612094 0.7504863922  0.3734776713 0.5326767121 0.7594537177 9.3205618662  0.1850612094 0.7594537177 -0.6236845352 -13.6797390339 
10 'crystal symmetry operation' 3_435 -x-1,y-3/2,-z+1/2 -0.9089921770 0.3734776713 0.1850612094 1.7682192162  0.3734776713 0.5326767121 0.7594537177 13.4971312258 0.1850612094 0.7594537177 -0.6236845352 -11.6102151073 
# 
_struct_biol.id        1 
_struct_biol.details   ? 
# 
_pdbx_phasing_MR.entry_id                     3NVG 
_pdbx_phasing_MR.method_rotation              ? 
_pdbx_phasing_MR.method_translation           ? 
_pdbx_phasing_MR.model_details                'Phaser MODE: MR_AUTO' 
_pdbx_phasing_MR.R_factor                     ? 
_pdbx_phasing_MR.R_rigid_body                 ? 
_pdbx_phasing_MR.correlation_coeff_Fo_to_Fc   ? 
_pdbx_phasing_MR.correlation_coeff_Io_to_Ic   ? 
_pdbx_phasing_MR.d_res_high_rotation          2.500 
_pdbx_phasing_MR.d_res_low_rotation           15.740 
_pdbx_phasing_MR.d_res_high_translation       2.500 
_pdbx_phasing_MR.d_res_low_translation        15.740 
_pdbx_phasing_MR.packing                      ? 
_pdbx_phasing_MR.reflns_percent_rotation      ? 
_pdbx_phasing_MR.reflns_percent_translation   ? 
_pdbx_phasing_MR.sigma_F_rotation             ? 
_pdbx_phasing_MR.sigma_F_translation          ? 
_pdbx_phasing_MR.sigma_I_rotation             ? 
_pdbx_phasing_MR.sigma_I_translation          ? 
# 
_phasing.method   MR 
# 
loop_
_chem_comp_atom.comp_id 
_chem_comp_atom.atom_id 
_chem_comp_atom.type_symbol 
_chem_comp_atom.pdbx_aromatic_flag 
_chem_comp_atom.pdbx_stereo_config 
_chem_comp_atom.pdbx_ordinal 
ASN N    N N N 1   
ASN CA   C N S 2   
ASN C    C N N 3   
ASN O    O N N 4   
ASN CB   C N N 5   
ASN CG   C N N 6   
ASN OD1  O N N 7   
ASN ND2  N N N 8   
ASN OXT  O N N 9   
ASN H    H N N 10  
ASN H2   H N N 11  
ASN HA   H N N 12  
ASN HB2  H N N 13  
ASN HB3  H N N 14  
ASN HD21 H N N 15  
ASN HD22 H N N 16  
ASN HXT  H N N 17  
GLY N    N N N 18  
GLY CA   C N N 19  
GLY C    C N N 20  
GLY O    O N N 21  
GLY OXT  O N N 22  
GLY H    H N N 23  
GLY H2   H N N 24  
GLY HA2  H N N 25  
GLY HA3  H N N 26  
GLY HXT  H N N 27  
HIS N    N N N 28  
HIS CA   C N S 29  
HIS C    C N N 30  
HIS O    O N N 31  
HIS CB   C N N 32  
HIS CG   C Y N 33  
HIS ND1  N Y N 34  
HIS CD2  C Y N 35  
HIS CE1  C Y N 36  
HIS NE2  N Y N 37  
HIS OXT  O N N 38  
HIS H    H N N 39  
HIS H2   H N N 40  
HIS HA   H N N 41  
HIS HB2  H N N 42  
HIS HB3  H N N 43  
HIS HD1  H N N 44  
HIS HD2  H N N 45  
HIS HE1  H N N 46  
HIS HE2  H N N 47  
HIS HXT  H N N 48  
HOH O    O N N 49  
HOH H1   H N N 50  
HOH H2   H N N 51  
ILE N    N N N 52  
ILE CA   C N S 53  
ILE C    C N N 54  
ILE O    O N N 55  
ILE CB   C N S 56  
ILE CG1  C N N 57  
ILE CG2  C N N 58  
ILE CD1  C N N 59  
ILE OXT  O N N 60  
ILE H    H N N 61  
ILE H2   H N N 62  
ILE HA   H N N 63  
ILE HB   H N N 64  
ILE HG12 H N N 65  
ILE HG13 H N N 66  
ILE HG21 H N N 67  
ILE HG22 H N N 68  
ILE HG23 H N N 69  
ILE HD11 H N N 70  
ILE HD12 H N N 71  
ILE HD13 H N N 72  
ILE HXT  H N N 73  
MET N    N N N 74  
MET CA   C N S 75  
MET C    C N N 76  
MET O    O N N 77  
MET CB   C N N 78  
MET CG   C N N 79  
MET SD   S N N 80  
MET CE   C N N 81  
MET OXT  O N N 82  
MET H    H N N 83  
MET H2   H N N 84  
MET HA   H N N 85  
MET HB2  H N N 86  
MET HB3  H N N 87  
MET HG2  H N N 88  
MET HG3  H N N 89  
MET HE1  H N N 90  
MET HE2  H N N 91  
MET HE3  H N N 92  
MET HXT  H N N 93  
PHE N    N N N 94  
PHE CA   C N S 95  
PHE C    C N N 96  
PHE O    O N N 97  
PHE CB   C N N 98  
PHE CG   C Y N 99  
PHE CD1  C Y N 100 
PHE CD2  C Y N 101 
PHE CE1  C Y N 102 
PHE CE2  C Y N 103 
PHE CZ   C Y N 104 
PHE OXT  O N N 105 
PHE H    H N N 106 
PHE H2   H N N 107 
PHE HA   H N N 108 
PHE HB2  H N N 109 
PHE HB3  H N N 110 
PHE HD1  H N N 111 
PHE HD2  H N N 112 
PHE HE1  H N N 113 
PHE HE2  H N N 114 
PHE HZ   H N N 115 
PHE HXT  H N N 116 
# 
loop_
_chem_comp_bond.comp_id 
_chem_comp_bond.atom_id_1 
_chem_comp_bond.atom_id_2 
_chem_comp_bond.value_order 
_chem_comp_bond.pdbx_aromatic_flag 
_chem_comp_bond.pdbx_stereo_config 
_chem_comp_bond.pdbx_ordinal 
ASN N   CA   sing N N 1   
ASN N   H    sing N N 2   
ASN N   H2   sing N N 3   
ASN CA  C    sing N N 4   
ASN CA  CB   sing N N 5   
ASN CA  HA   sing N N 6   
ASN C   O    doub N N 7   
ASN C   OXT  sing N N 8   
ASN CB  CG   sing N N 9   
ASN CB  HB2  sing N N 10  
ASN CB  HB3  sing N N 11  
ASN CG  OD1  doub N N 12  
ASN CG  ND2  sing N N 13  
ASN ND2 HD21 sing N N 14  
ASN ND2 HD22 sing N N 15  
ASN OXT HXT  sing N N 16  
GLY N   CA   sing N N 17  
GLY N   H    sing N N 18  
GLY N   H2   sing N N 19  
GLY CA  C    sing N N 20  
GLY CA  HA2  sing N N 21  
GLY CA  HA3  sing N N 22  
GLY C   O    doub N N 23  
GLY C   OXT  sing N N 24  
GLY OXT HXT  sing N N 25  
HIS N   CA   sing N N 26  
HIS N   H    sing N N 27  
HIS N   H2   sing N N 28  
HIS CA  C    sing N N 29  
HIS CA  CB   sing N N 30  
HIS CA  HA   sing N N 31  
HIS C   O    doub N N 32  
HIS C   OXT  sing N N 33  
HIS CB  CG   sing N N 34  
HIS CB  HB2  sing N N 35  
HIS CB  HB3  sing N N 36  
HIS CG  ND1  sing Y N 37  
HIS CG  CD2  doub Y N 38  
HIS ND1 CE1  doub Y N 39  
HIS ND1 HD1  sing N N 40  
HIS CD2 NE2  sing Y N 41  
HIS CD2 HD2  sing N N 42  
HIS CE1 NE2  sing Y N 43  
HIS CE1 HE1  sing N N 44  
HIS NE2 HE2  sing N N 45  
HIS OXT HXT  sing N N 46  
HOH O   H1   sing N N 47  
HOH O   H2   sing N N 48  
ILE N   CA   sing N N 49  
ILE N   H    sing N N 50  
ILE N   H2   sing N N 51  
ILE CA  C    sing N N 52  
ILE CA  CB   sing N N 53  
ILE CA  HA   sing N N 54  
ILE C   O    doub N N 55  
ILE C   OXT  sing N N 56  
ILE CB  CG1  sing N N 57  
ILE CB  CG2  sing N N 58  
ILE CB  HB   sing N N 59  
ILE CG1 CD1  sing N N 60  
ILE CG1 HG12 sing N N 61  
ILE CG1 HG13 sing N N 62  
ILE CG2 HG21 sing N N 63  
ILE CG2 HG22 sing N N 64  
ILE CG2 HG23 sing N N 65  
ILE CD1 HD11 sing N N 66  
ILE CD1 HD12 sing N N 67  
ILE CD1 HD13 sing N N 68  
ILE OXT HXT  sing N N 69  
MET N   CA   sing N N 70  
MET N   H    sing N N 71  
MET N   H2   sing N N 72  
MET CA  C    sing N N 73  
MET CA  CB   sing N N 74  
MET CA  HA   sing N N 75  
MET C   O    doub N N 76  
MET C   OXT  sing N N 77  
MET CB  CG   sing N N 78  
MET CB  HB2  sing N N 79  
MET CB  HB3  sing N N 80  
MET CG  SD   sing N N 81  
MET CG  HG2  sing N N 82  
MET CG  HG3  sing N N 83  
MET SD  CE   sing N N 84  
MET CE  HE1  sing N N 85  
MET CE  HE2  sing N N 86  
MET CE  HE3  sing N N 87  
MET OXT HXT  sing N N 88  
PHE N   CA   sing N N 89  
PHE N   H    sing N N 90  
PHE N   H2   sing N N 91  
PHE CA  C    sing N N 92  
PHE CA  CB   sing N N 93  
PHE CA  HA   sing N N 94  
PHE C   O    doub N N 95  
PHE C   OXT  sing N N 96  
PHE CB  CG   sing N N 97  
PHE CB  HB2  sing N N 98  
PHE CB  HB3  sing N N 99  
PHE CG  CD1  doub Y N 100 
PHE CG  CD2  sing Y N 101 
PHE CD1 CE1  sing Y N 102 
PHE CD1 HD1  sing N N 103 
PHE CD2 CE2  doub Y N 104 
PHE CD2 HD2  sing N N 105 
PHE CE1 CZ   doub Y N 106 
PHE CE1 HE1  sing N N 107 
PHE CE2 CZ   sing Y N 108 
PHE CE2 HE2  sing N N 109 
PHE CZ  HZ   sing N N 110 
PHE OXT HXT  sing N N 111 
# 
_atom_sites.entry_id                    3NVG 
_atom_sites.fract_transf_matrix[1][1]   0.01429463 
_atom_sites.fract_transf_matrix[1][2]   -0.01771932 
_atom_sites.fract_transf_matrix[1][3]   0.02873021 
_atom_sites.fract_transf_matrix[2][1]   -0.04471113 
_atom_sites.fract_transf_matrix[2][2]   -0.18348542 
_atom_sites.fract_transf_matrix[2][3]   -0.09091851 
_atom_sites.fract_transf_matrix[3][1]   0.02845908 
_atom_sites.fract_transf_matrix[3][2]   0.00006238 
_atom_sites.fract_transf_matrix[3][3]   -0.01412126 
_atom_sites.fract_transf_vector[1]      -0.226278 
_atom_sites.fract_transf_vector[2]      -0.492770 
_atom_sites.fract_transf_vector[3]      0.142441 
# 
loop_
_atom_type.symbol 
C 
N 
O 
S 
# 
loop_
_atom_site.group_PDB 
_atom_site.id 
_atom_site.type_symbol 
_atom_site.label_atom_id 
_atom_site.label_alt_id 
_atom_site.label_comp_id 
_atom_site.label_asym_id 
_atom_site.label_entity_id 
_atom_site.label_seq_id 
_atom_site.pdbx_PDB_ins_code 
_atom_site.Cartn_x 
_atom_site.Cartn_y 
_atom_site.Cartn_z 
_atom_site.occupancy 
_atom_site.B_iso_or_equiv 
_atom_site.pdbx_formal_charge 
_atom_site.auth_seq_id 
_atom_site.auth_comp_id 
_atom_site.auth_asym_id 
_atom_site.auth_atom_id 
_atom_site.pdbx_PDB_model_num 
ATOM   1  N N   . MET A 1 1 ? -6.991 3.254  -4.013 1.00 5.99  ? 1 MET A N   1 
ATOM   2  C CA  . MET A 1 1 ? -5.894 3.056  -3.020 1.00 5.37  ? 1 MET A CA  1 
ATOM   3  C C   . MET A 1 1 ? -4.715 2.401  -3.684 1.00 5.07  ? 1 MET A C   1 
ATOM   4  O O   . MET A 1 1 ? -4.868 1.393  -4.372 1.00 5.39  ? 1 MET A O   1 
ATOM   5  C CB  . MET A 1 1 ? -6.346 2.179  -1.844 1.00 6.02  ? 1 MET A CB  1 
ATOM   6  C CG  . MET A 1 1 ? -5.249 1.999  -0.822 1.00 7.88  ? 1 MET A CG  1 
ATOM   7  S SD  . MET A 1 1 ? -5.585 0.764  0.466  1.00 15.51 ? 1 MET A SD  1 
ATOM   8  C CE  . MET A 1 1 ? -6.986 1.532  1.231  1.00 14.12 ? 1 MET A CE  1 
ATOM   9  N N   . ILE A 1 2 ? -3.541 2.989  -3.482 1.00 4.07  ? 2 ILE A N   1 
ATOM   10 C CA  . ILE A 1 2 ? -2.288 2.313  -3.797 1.00 4.11  ? 2 ILE A CA  1 
ATOM   11 C C   . ILE A 1 2 ? -1.550 2.139  -2.489 1.00 4.38  ? 2 ILE A C   1 
ATOM   12 O O   . ILE A 1 2 ? -1.287 3.112  -1.805 1.00 4.77  ? 2 ILE A O   1 
ATOM   13 C CB  . ILE A 1 2 ? -1.448 3.117  -4.782 1.00 3.83  ? 2 ILE A CB  1 
ATOM   14 C CG1 . ILE A 1 2 ? -2.158 3.196  -6.133 1.00 4.39  ? 2 ILE A CG1 1 
ATOM   15 C CG2 . ILE A 1 2 ? -0.018 2.506  -4.857 1.00 4.52  ? 2 ILE A CG2 1 
ATOM   16 C CD1 . ILE A 1 2 ? -1.577 4.288  -7.073 1.00 6.50  ? 2 ILE A CD1 1 
ATOM   17 N N   . HIS A 1 3 ? -1.259 0.885  -2.139 1.00 4.50  ? 3 HIS A N   1 
ATOM   18 C CA  . HIS A 1 3 ? -0.698 0.563  -0.851 1.00 5.48  ? 3 HIS A CA  1 
ATOM   19 C C   . HIS A 1 3 ? 0.528  -0.292 -1.065 1.00 5.24  ? 3 HIS A C   1 
ATOM   20 O O   . HIS A 1 3 ? 0.425  -1.360 -1.640 1.00 5.63  ? 3 HIS A O   1 
ATOM   21 C CB  . HIS A 1 3 ? -1.701 -0.225 -0.012 1.00 6.64  ? 3 HIS A CB  1 
ATOM   22 C CG  . HIS A 1 3 ? -1.082 -0.817 1.209  1.00 10.18 ? 3 HIS A CG  1 
ATOM   23 N ND1 . HIS A 1 3 ? -0.854 -2.165 1.355  1.00 14.30 ? 3 HIS A ND1 1 
ATOM   24 C CD2 . HIS A 1 3 ? -0.535 -0.229 2.291  1.00 13.92 ? 3 HIS A CD2 1 
ATOM   25 C CE1 . HIS A 1 3 ? -0.258 -2.390 2.514  1.00 14.50 ? 3 HIS A CE1 1 
ATOM   26 N NE2 . HIS A 1 3 ? -0.049 -1.227 3.100  1.00 16.15 ? 3 HIS A NE2 1 
ATOM   27 N N   . PHE A 1 4 ? 1.669  0.191  -0.588 1.00 4.07  ? 4 PHE A N   1 
ATOM   28 C CA  . PHE A 1 4 ? 2.916  -0.572 -0.595 1.00 3.81  ? 4 PHE A CA  1 
ATOM   29 C C   . PHE A 1 4 ? 3.412  -0.670 0.827  1.00 3.06  ? 4 PHE A C   1 
ATOM   30 O O   . PHE A 1 4 ? 3.720  0.342  1.419  1.00 3.81  ? 4 PHE A O   1 
ATOM   31 C CB  . PHE A 1 4 ? 3.979  0.137  -1.435 1.00 4.00  ? 4 PHE A CB  1 
ATOM   32 C CG  . PHE A 1 4 ? 3.885  -0.146 -2.891 1.00 6.31  ? 4 PHE A CG  1 
ATOM   33 C CD1 . PHE A 1 4 ? 4.821  -0.961 -3.521 1.00 6.52  ? 4 PHE A CD1 1 
ATOM   34 C CD2 . PHE A 1 4 ? 2.840  0.370  -3.636 1.00 10.00 ? 4 PHE A CD2 1 
ATOM   35 C CE1 . PHE A 1 4 ? 4.734  -1.232 -4.861 1.00 7.62  ? 4 PHE A CE1 1 
ATOM   36 C CE2 . PHE A 1 4 ? 2.750  0.100  -4.997 1.00 12.21 ? 4 PHE A CE2 1 
ATOM   37 C CZ  . PHE A 1 4 ? 3.698  -0.702 -5.605 1.00 10.60 ? 4 PHE A CZ  1 
ATOM   38 N N   . GLY A 1 5 ? 3.511  -1.880 1.367  1.00 3.53  ? 5 GLY A N   1 
ATOM   39 C CA  . GLY A 1 5 ? 4.066  -2.072 2.695  1.00 4.31  ? 5 GLY A CA  1 
ATOM   40 C C   . GLY A 1 5 ? 3.170  -2.978 3.492  1.00 5.12  ? 5 GLY A C   1 
ATOM   41 O O   . GLY A 1 5 ? 2.834  -4.052 3.025  1.00 6.02  ? 5 GLY A O   1 
ATOM   42 N N   . ASN A 1 6 ? 2.787  -2.526 4.682  1.00 5.74  ? 6 ASN A N   1 
ATOM   43 C CA  . ASN A 1 6 ? 1.897  -3.288 5.567  1.00 5.84  ? 6 ASN A CA  1 
ATOM   44 C C   . ASN A 1 6 ? 0.737  -2.427 6.010  1.00 6.96  ? 6 ASN A C   1 
ATOM   45 O O   . ASN A 1 6 ? -0.217 -2.957 6.571  1.00 8.45  ? 6 ASN A O   1 
ATOM   46 C CB  . ASN A 1 6 ? 2.638  -3.744 6.818  1.00 5.65  ? 6 ASN A CB  1 
ATOM   47 C CG  . ASN A 1 6 ? 3.874  -4.509 6.507  1.00 6.40  ? 6 ASN A CG  1 
ATOM   48 O OD1 . ASN A 1 6 ? 4.997  -4.023 6.727  1.00 7.19  ? 6 ASN A OD1 1 
ATOM   49 N ND2 . ASN A 1 6 ? 3.705  -5.691 5.976  1.00 4.36  ? 6 ASN A ND2 1 
ATOM   50 O OXT . ASN A 1 6 ? 0.754  -1.210 5.846  1.00 6.76  ? 6 ASN A OXT 1 
HETATM 51 O O   . HOH B 2 . ? -4.950 6.461  -5.937 1.00 40.47 ? 7 HOH A O   1 
HETATM 52 O O   . HOH B 2 . ? -6.385 4.307  -6.447 1.00 53.97 ? 8 HOH A O   1 
# 
